data_8VXN
#
_entry.id   8VXN
#
_cell.length_a   37.070
_cell.length_b   88.950
_cell.length_c   140.940
_cell.angle_alpha   90.000
_cell.angle_beta   90.000
_cell.angle_gamma   90.000
#
_symmetry.space_group_name_H-M   'P 21 21 21'
#
loop_
_entity.id
_entity.type
_entity.pdbx_description
1 polymer 'Maltose/maltodextrin-binding periplasmic protein fused to apoptosis regulator Bcl-2/Bcl-xL chimera'
2 water water
#
_entity_poly.entity_id   1
_entity_poly.type   'polypeptide(L)'
_entity_poly.pdbx_seq_one_letter_code
;MHHHHHHHHHHENLYFQGKIEEGKLVIWINGDKGYNGLAEVGKKFEKDTGIKVTVEHPDKLEEKFPQVAATGDGPDIIFW
AHDRFGGYAQSGLLAEITPAAAFQDKLYPFTWDAVRYNGKLIAYPIAVEALSLIYNKDLLPNPPKTWEEIPALDKELKAK
GKSALMFNLQEPYFTWPLIAADGGYAFKYAAGKYDIKDVGVDNAGAKAGLTFLVDLIKNKHMNADTDYSIAEAAFNKGET
AMTINGPWAWSNIDTSAVNYGVTVLPTFKGQPSKPFVGVLSAGINAASPNKELAKEFLENYLLTDEGLEAVNKDKPLGAV
ALKSYEEELAKDPRIAATMENAQKGEIMPNIPQMSAFWYAVRTAVINAASGRQTVDEALKDAQTAARAAADNREIVMKYI
HYKLSQRGYEWDAGDDVEENRTEAPEGTESEVVHLTLRQAGDDFSRRYRRDFAEMSSQLHLTPFTARGRFATVVEELFRD
GVNWGRIVAFFEFGGVMCVESVNREMSPLVDNIALWMTEYLNRHLHTWIQDNGGWDAFVELYGPSMR
;
_entity_poly.pdbx_strand_id   A
#
# COMPACT_ATOMS: atom_id res chain seq x y z
N LEU A 14 26.46 -0.22 21.60
CA LEU A 14 25.53 -1.21 21.05
C LEU A 14 24.40 -1.53 22.03
N TYR A 15 23.88 -0.49 22.70
CA TYR A 15 22.84 -0.67 23.71
C TYR A 15 21.49 -1.03 23.10
N PHE A 16 21.31 -0.82 21.80
CA PHE A 16 20.05 -1.14 21.14
C PHE A 16 19.75 -2.64 21.15
N GLN A 17 20.76 -3.47 21.42
CA GLN A 17 20.58 -4.92 21.41
C GLN A 17 19.71 -5.41 22.58
N GLY A 18 19.52 -4.58 23.61
CA GLY A 18 18.60 -4.94 24.67
C GLY A 18 17.17 -5.00 24.18
N LYS A 19 16.37 -5.80 24.88
CA LYS A 19 15.00 -6.09 24.47
C LYS A 19 14.01 -5.63 25.53
N ILE A 20 12.73 -5.59 25.15
CA ILE A 20 11.64 -5.15 26.03
C ILE A 20 10.54 -6.20 25.97
N GLU A 21 10.04 -6.60 27.15
CA GLU A 21 8.86 -7.46 27.29
C GLU A 21 9.03 -8.79 26.55
N GLU A 22 10.06 -9.54 26.97
CA GLU A 22 10.35 -10.83 26.35
C GLU A 22 9.42 -11.94 26.81
N GLY A 23 8.72 -11.75 27.93
CA GLY A 23 7.84 -12.73 28.52
C GLY A 23 6.42 -12.75 28.01
N LYS A 24 6.02 -11.79 27.17
CA LYS A 24 4.68 -11.74 26.63
C LYS A 24 4.70 -11.73 25.11
N LEU A 25 3.63 -12.25 24.51
CA LEU A 25 3.41 -12.15 23.08
C LEU A 25 2.79 -10.78 22.80
N VAL A 26 3.54 -9.90 22.14
CA VAL A 26 3.13 -8.53 21.87
C VAL A 26 2.65 -8.42 20.43
N ILE A 27 1.45 -7.88 20.24
CA ILE A 27 0.79 -7.81 18.94
C ILE A 27 0.44 -6.36 18.63
N TRP A 28 0.77 -5.91 17.43
CA TRP A 28 0.37 -4.60 16.91
C TRP A 28 -0.66 -4.78 15.81
N ILE A 29 -1.78 -4.07 15.93
CA ILE A 29 -2.85 -4.11 14.94
C ILE A 29 -3.52 -2.74 14.96
N ASN A 30 -3.93 -2.26 13.79
CA ASN A 30 -4.52 -0.93 13.69
C ASN A 30 -5.81 -0.85 14.52
N GLY A 31 -6.07 0.34 15.07
CA GLY A 31 -7.19 0.54 15.97
C GLY A 31 -8.55 0.37 15.34
N ASP A 32 -8.65 0.50 14.02
CA ASP A 32 -9.92 0.33 13.31
C ASP A 32 -10.26 -1.14 13.05
N LYS A 33 -9.41 -2.07 13.46
CA LYS A 33 -9.69 -3.49 13.31
C LYS A 33 -10.34 -4.03 14.59
N GLY A 34 -10.79 -5.27 14.52
CA GLY A 34 -11.41 -5.90 15.68
C GLY A 34 -10.41 -6.37 16.71
N TYR A 35 -9.73 -5.44 17.37
CA TYR A 35 -8.67 -5.82 18.29
C TYR A 35 -9.20 -6.34 19.62
N ASN A 36 -10.42 -5.97 19.99
CA ASN A 36 -11.03 -6.57 21.17
C ASN A 36 -11.41 -8.01 20.92
N GLY A 37 -11.86 -8.33 19.71
CA GLY A 37 -12.07 -9.73 19.36
C GLY A 37 -10.76 -10.49 19.27
N LEU A 38 -9.72 -9.85 18.74
CA LEU A 38 -8.39 -10.46 18.74
C LEU A 38 -7.90 -10.69 20.17
N ALA A 39 -8.12 -9.71 21.06
CA ALA A 39 -7.74 -9.88 22.45
C ALA A 39 -8.47 -11.04 23.09
N GLU A 40 -9.74 -11.25 22.71
CA GLU A 40 -10.48 -12.41 23.19
C GLU A 40 -9.81 -13.70 22.76
N VAL A 41 -9.35 -13.77 21.51
CA VAL A 41 -8.55 -14.92 21.09
C VAL A 41 -7.27 -15.00 21.92
N GLY A 42 -6.67 -13.85 22.24
CA GLY A 42 -5.47 -13.84 23.04
C GLY A 42 -5.68 -14.35 24.46
N LYS A 43 -6.86 -14.10 25.03
CA LYS A 43 -7.17 -14.61 26.37
C LYS A 43 -7.22 -16.13 26.38
N LYS A 44 -7.85 -16.74 25.36
CA LYS A 44 -7.88 -18.19 25.26
C LYS A 44 -6.47 -18.76 25.13
N PHE A 45 -5.61 -18.09 24.36
CA PHE A 45 -4.22 -18.51 24.22
C PHE A 45 -3.49 -18.40 25.54
N GLU A 46 -3.71 -17.32 26.29
CA GLU A 46 -3.08 -17.16 27.60
C GLU A 46 -3.50 -18.26 28.57
N LYS A 47 -4.78 -18.61 28.58
CA LYS A 47 -5.24 -19.66 29.47
C LYS A 47 -4.60 -21.00 29.12
N ASP A 48 -4.46 -21.31 27.83
CA ASP A 48 -3.98 -22.63 27.45
C ASP A 48 -2.47 -22.76 27.57
N THR A 49 -1.72 -21.66 27.49
CA THR A 49 -0.27 -21.72 27.49
C THR A 49 0.37 -21.07 28.72
N GLY A 50 -0.34 -20.17 29.41
CA GLY A 50 0.25 -19.43 30.50
C GLY A 50 1.04 -18.20 30.09
N ILE A 51 1.19 -17.94 28.79
CA ILE A 51 1.93 -16.76 28.32
C ILE A 51 0.93 -15.65 28.00
N LYS A 52 1.15 -14.49 28.61
CA LYS A 52 0.23 -13.38 28.44
C LYS A 52 0.35 -12.79 27.05
N VAL A 53 -0.80 -12.51 26.43
CA VAL A 53 -0.88 -11.89 25.12
C VAL A 53 -1.32 -10.44 25.34
N THR A 54 -0.60 -9.51 24.72
CA THR A 54 -0.88 -8.09 24.82
C THR A 54 -1.14 -7.57 23.42
N VAL A 55 -2.36 -7.12 23.17
CA VAL A 55 -2.74 -6.54 21.89
C VAL A 55 -2.68 -5.03 22.03
N GLU A 56 -1.82 -4.39 21.25
CA GLU A 56 -1.70 -2.95 21.24
C GLU A 56 -2.10 -2.40 19.88
N HIS A 57 -2.61 -1.17 19.87
CA HIS A 57 -3.03 -0.51 18.65
C HIS A 57 -2.41 0.88 18.59
N PRO A 58 -1.08 0.96 18.41
CA PRO A 58 -0.44 2.27 18.38
C PRO A 58 -0.81 3.03 17.14
N ASP A 59 -0.99 4.34 17.30
CA ASP A 59 -1.21 5.19 16.15
C ASP A 59 0.03 5.20 15.27
N LYS A 60 -0.19 5.10 13.95
CA LYS A 60 0.88 5.11 12.95
C LYS A 60 1.87 3.96 13.18
N LEU A 61 1.34 2.80 13.59
CA LEU A 61 2.19 1.65 13.91
C LEU A 61 2.92 1.12 12.68
N GLU A 62 2.35 1.31 11.48
CA GLU A 62 3.01 0.87 10.26
C GLU A 62 4.25 1.70 9.94
N GLU A 63 4.33 2.92 10.43
CA GLU A 63 5.53 3.73 10.26
C GLU A 63 6.50 3.56 11.42
N LYS A 64 6.02 3.14 12.60
CA LYS A 64 6.92 2.90 13.71
C LYS A 64 7.66 1.58 13.59
N PHE A 65 7.04 0.58 12.96
CA PHE A 65 7.63 -0.76 12.93
C PHE A 65 9.02 -0.80 12.32
N PRO A 66 9.32 -0.15 11.17
CA PRO A 66 10.70 -0.19 10.67
C PRO A 66 11.73 0.36 11.65
N GLN A 67 11.38 1.38 12.43
CA GLN A 67 12.33 1.94 13.40
C GLN A 67 12.59 0.96 14.54
N VAL A 68 11.54 0.44 15.16
CA VAL A 68 11.73 -0.41 16.32
C VAL A 68 12.28 -1.78 15.94
N ALA A 69 11.90 -2.32 14.77
CA ALA A 69 12.35 -3.66 14.38
C ALA A 69 13.79 -3.70 13.91
N ALA A 70 14.33 -2.56 13.44
CA ALA A 70 15.72 -2.50 12.98
C ALA A 70 16.74 -2.73 14.08
N THR A 71 16.32 -2.70 15.35
CA THR A 71 17.21 -2.99 16.47
C THR A 71 16.75 -4.21 17.27
N GLY A 72 15.98 -5.11 16.66
CA GLY A 72 15.55 -6.29 17.37
C GLY A 72 14.46 -6.06 18.38
N ASP A 73 13.72 -4.97 18.27
CA ASP A 73 12.65 -4.62 19.19
C ASP A 73 11.33 -4.50 18.43
N GLY A 74 10.33 -3.95 19.11
CA GLY A 74 9.00 -3.86 18.55
C GLY A 74 8.14 -5.05 18.89
N PRO A 75 6.98 -5.17 18.26
CA PRO A 75 6.05 -6.25 18.60
C PRO A 75 6.53 -7.60 18.07
N ASP A 76 5.97 -8.66 18.65
CA ASP A 76 6.24 -10.00 18.15
C ASP A 76 5.47 -10.30 16.87
N ILE A 77 4.24 -9.79 16.75
CA ILE A 77 3.39 -9.90 15.55
C ILE A 77 2.88 -8.52 15.18
N ILE A 78 2.91 -8.20 13.88
CA ILE A 78 2.30 -6.97 13.34
C ILE A 78 1.24 -7.35 12.31
N PHE A 79 0.06 -6.74 12.42
CA PHE A 79 -1.04 -6.91 11.47
C PHE A 79 -1.16 -5.66 10.58
N TRP A 80 -1.16 -5.87 9.27
CA TRP A 80 -1.33 -4.77 8.31
C TRP A 80 -1.59 -5.37 6.93
N ALA A 81 -2.09 -4.53 6.02
CA ALA A 81 -2.23 -4.94 4.61
C ALA A 81 -0.90 -5.44 4.07
N HIS A 82 -0.98 -6.41 3.16
CA HIS A 82 0.19 -7.13 2.67
C HIS A 82 1.16 -6.23 1.92
N ASP A 83 0.66 -5.16 1.30
CA ASP A 83 1.52 -4.35 0.43
C ASP A 83 2.61 -3.65 1.22
N ARG A 84 2.33 -3.26 2.47
CA ARG A 84 3.34 -2.64 3.32
C ARG A 84 4.40 -3.63 3.79
N PHE A 85 4.10 -4.94 3.75
CA PHE A 85 5.07 -5.94 4.17
C PHE A 85 6.20 -6.12 3.18
N GLY A 86 6.08 -5.59 1.97
CA GLY A 86 7.19 -5.66 1.03
C GLY A 86 8.40 -4.87 1.51
N GLY A 87 8.17 -3.63 1.96
CA GLY A 87 9.26 -2.86 2.53
C GLY A 87 9.84 -3.48 3.78
N TYR A 88 9.00 -4.10 4.61
CA TYR A 88 9.50 -4.78 5.81
C TYR A 88 10.40 -5.94 5.43
N ALA A 89 9.97 -6.77 4.49
CA ALA A 89 10.78 -7.90 4.03
C ALA A 89 12.05 -7.44 3.33
N GLN A 90 12.03 -6.24 2.73
CA GLN A 90 13.25 -5.72 2.13
C GLN A 90 14.33 -5.49 3.19
N SER A 91 13.96 -4.94 4.33
CA SER A 91 14.91 -4.69 5.41
C SER A 91 15.17 -5.94 6.25
N GLY A 92 14.57 -7.08 5.93
CA GLY A 92 14.74 -8.27 6.72
C GLY A 92 14.09 -8.21 8.09
N LEU A 93 12.99 -7.47 8.23
CA LEU A 93 12.36 -7.28 9.52
C LEU A 93 11.33 -8.35 9.85
N LEU A 94 10.89 -9.10 8.85
CA LEU A 94 9.88 -10.14 9.03
C LEU A 94 10.53 -11.51 8.96
N ALA A 95 10.13 -12.39 9.88
CA ALA A 95 10.64 -13.75 9.86
C ALA A 95 10.09 -14.51 8.67
N GLU A 96 10.94 -15.32 8.04
CA GLU A 96 10.51 -16.19 6.97
C GLU A 96 9.81 -17.41 7.56
N ILE A 97 8.56 -17.62 7.18
CA ILE A 97 7.78 -18.75 7.66
C ILE A 97 7.74 -19.81 6.57
N THR A 98 7.76 -21.08 6.99
CA THR A 98 7.55 -22.21 6.10
C THR A 98 6.50 -23.12 6.75
N PRO A 99 5.24 -22.70 6.73
CA PRO A 99 4.19 -23.50 7.37
C PRO A 99 4.01 -24.84 6.67
N ALA A 100 3.45 -25.79 7.41
CA ALA A 100 3.19 -27.11 6.85
C ALA A 100 2.23 -27.02 5.67
N ALA A 101 2.35 -27.99 4.76
CA ALA A 101 1.42 -28.05 3.63
C ALA A 101 -0.02 -28.25 4.10
N ALA A 102 -0.22 -29.02 5.17
CA ALA A 102 -1.56 -29.22 5.69
C ALA A 102 -2.20 -27.92 6.16
N PHE A 103 -1.39 -26.96 6.61
CA PHE A 103 -1.93 -25.67 7.00
C PHE A 103 -2.11 -24.73 5.82
N GLN A 104 -1.18 -24.75 4.85
CA GLN A 104 -1.29 -23.89 3.69
C GLN A 104 -2.53 -24.22 2.86
N ASP A 105 -2.94 -25.50 2.82
CA ASP A 105 -4.12 -25.87 2.05
C ASP A 105 -5.41 -25.31 2.65
N LYS A 106 -5.36 -24.86 3.90
CA LYS A 106 -6.53 -24.27 4.56
C LYS A 106 -6.83 -22.85 4.08
N LEU A 107 -5.85 -22.15 3.50
CA LEU A 107 -6.04 -20.80 3.00
C LEU A 107 -6.02 -20.80 1.47
N TYR A 108 -6.70 -19.81 0.88
CA TYR A 108 -6.76 -19.73 -0.59
C TYR A 108 -5.37 -19.42 -1.15
N PRO A 109 -4.99 -20.09 -2.25
CA PRO A 109 -3.64 -19.89 -2.80
C PRO A 109 -3.31 -18.44 -3.11
N PHE A 110 -4.25 -17.66 -3.64
CA PHE A 110 -3.92 -16.27 -3.98
C PHE A 110 -3.61 -15.43 -2.75
N THR A 111 -4.09 -15.83 -1.55
CA THR A 111 -3.75 -15.07 -0.36
C THR A 111 -2.30 -15.33 0.06
N TRP A 112 -1.82 -16.57 -0.14
CA TRP A 112 -0.40 -16.84 0.10
C TRP A 112 0.49 -16.08 -0.87
N ASP A 113 0.05 -15.87 -2.11
CA ASP A 113 0.85 -15.09 -3.05
C ASP A 113 1.03 -13.65 -2.55
N ALA A 114 0.02 -13.11 -1.86
CA ALA A 114 0.10 -11.75 -1.35
C ALA A 114 1.17 -11.59 -0.27
N VAL A 115 1.60 -12.68 0.35
CA VAL A 115 2.55 -12.63 1.45
C VAL A 115 3.88 -13.27 1.07
N ARG A 116 4.18 -13.37 -0.21
CA ARG A 116 5.41 -13.95 -0.70
C ARG A 116 6.29 -12.84 -1.25
N TYR A 117 7.50 -12.71 -0.72
CA TYR A 117 8.45 -11.68 -1.14
C TYR A 117 9.76 -12.37 -1.47
N ASN A 118 10.20 -12.23 -2.73
CA ASN A 118 11.41 -12.88 -3.22
C ASN A 118 11.37 -14.39 -3.04
N GLY A 119 10.18 -14.98 -3.23
CA GLY A 119 10.02 -16.41 -3.13
C GLY A 119 9.93 -16.96 -1.73
N LYS A 120 9.80 -16.11 -0.72
CA LYS A 120 9.67 -16.54 0.66
C LYS A 120 8.38 -15.99 1.26
N LEU A 121 7.64 -16.85 1.96
CA LEU A 121 6.49 -16.40 2.72
C LEU A 121 6.96 -15.62 3.95
N ILE A 122 6.43 -14.41 4.13
CA ILE A 122 6.85 -13.53 5.19
C ILE A 122 5.69 -13.07 6.07
N ALA A 123 4.51 -13.67 5.91
CA ALA A 123 3.38 -13.39 6.80
C ALA A 123 2.34 -14.47 6.61
N TYR A 124 1.34 -14.44 7.49
CA TYR A 124 0.15 -15.27 7.37
C TYR A 124 -1.00 -14.42 6.86
N PRO A 125 -1.65 -14.78 5.75
CA PRO A 125 -2.79 -13.99 5.30
C PRO A 125 -4.02 -14.24 6.16
N ILE A 126 -4.78 -13.17 6.42
CA ILE A 126 -5.91 -13.24 7.35
C ILE A 126 -7.22 -12.96 6.62
N ALA A 127 -7.34 -11.77 6.04
CA ALA A 127 -8.58 -11.31 5.47
C ALA A 127 -8.34 -10.65 4.12
N VAL A 128 -9.39 -10.62 3.32
CA VAL A 128 -9.33 -10.16 1.94
C VAL A 128 -10.27 -8.95 1.84
N GLU A 129 -9.68 -7.77 1.61
CA GLU A 129 -10.44 -6.54 1.53
C GLU A 129 -10.48 -6.08 0.09
N ALA A 130 -11.68 -5.80 -0.41
CA ALA A 130 -11.83 -5.29 -1.77
C ALA A 130 -12.99 -4.30 -1.81
N LEU A 131 -12.90 -3.35 -2.73
CA LEU A 131 -13.99 -2.42 -2.97
C LEU A 131 -15.17 -3.14 -3.62
N SER A 132 -16.37 -2.77 -3.21
CA SER A 132 -17.59 -3.23 -3.87
C SER A 132 -18.48 -2.04 -4.18
N LEU A 133 -19.57 -2.34 -4.88
CA LEU A 133 -20.65 -1.40 -5.14
C LEU A 133 -21.67 -1.52 -4.02
N ILE A 134 -21.85 -0.44 -3.27
CA ILE A 134 -22.80 -0.38 -2.16
C ILE A 134 -24.00 0.44 -2.62
N TYR A 135 -25.21 -0.09 -2.40
CA TYR A 135 -26.39 0.55 -2.96
C TYR A 135 -27.50 0.63 -1.92
N ASN A 136 -28.30 1.68 -2.05
CA ASN A 136 -29.45 1.92 -1.18
C ASN A 136 -30.63 1.09 -1.70
N LYS A 137 -31.02 0.08 -0.93
CA LYS A 137 -32.05 -0.86 -1.39
C LYS A 137 -33.39 -0.17 -1.62
N ASP A 138 -33.68 0.88 -0.85
CA ASP A 138 -34.94 1.58 -1.02
C ASP A 138 -34.93 2.53 -2.22
N LEU A 139 -33.78 3.11 -2.55
CA LEU A 139 -33.74 3.97 -3.73
C LEU A 139 -33.50 3.16 -5.01
N LEU A 140 -32.84 2.01 -4.89
CA LEU A 140 -32.39 1.26 -6.07
C LEU A 140 -32.40 -0.21 -5.73
N PRO A 141 -33.54 -0.91 -5.88
CA PRO A 141 -33.60 -2.33 -5.54
C PRO A 141 -32.72 -3.19 -6.43
N ASN A 142 -32.54 -2.82 -7.70
CA ASN A 142 -31.69 -3.54 -8.63
C ASN A 142 -30.57 -2.62 -9.11
N PRO A 143 -29.36 -2.76 -8.59
CA PRO A 143 -28.27 -1.89 -9.03
C PRO A 143 -27.87 -2.20 -10.47
N PRO A 144 -27.30 -1.24 -11.18
CA PRO A 144 -26.90 -1.49 -12.57
C PRO A 144 -25.70 -2.42 -12.66
N LYS A 145 -25.67 -3.23 -13.73
CA LYS A 145 -24.55 -4.10 -13.99
C LYS A 145 -23.39 -3.41 -14.70
N THR A 146 -23.64 -2.27 -15.35
CA THR A 146 -22.64 -1.62 -16.18
C THR A 146 -22.51 -0.15 -15.81
N TRP A 147 -21.29 0.38 -15.95
CA TRP A 147 -21.08 1.81 -15.80
C TRP A 147 -21.88 2.61 -16.83
N GLU A 148 -22.08 2.05 -18.02
CA GLU A 148 -22.68 2.79 -19.11
C GLU A 148 -24.11 3.22 -18.81
N GLU A 149 -24.85 2.42 -18.04
CA GLU A 149 -26.24 2.76 -17.73
C GLU A 149 -26.36 3.70 -16.54
N ILE A 150 -25.25 4.18 -15.97
CA ILE A 150 -25.30 5.06 -14.81
C ILE A 150 -25.75 6.48 -15.18
N PRO A 151 -25.35 7.05 -16.33
CA PRO A 151 -25.89 8.37 -16.67
C PRO A 151 -27.41 8.41 -16.79
N ALA A 152 -28.02 7.42 -17.45
CA ALA A 152 -29.47 7.40 -17.56
C ALA A 152 -30.14 7.18 -16.22
N LEU A 153 -29.52 6.36 -15.35
CA LEU A 153 -30.04 6.17 -14.00
C LEU A 153 -29.99 7.46 -13.20
N ASP A 154 -28.91 8.24 -13.33
CA ASP A 154 -28.81 9.50 -12.61
C ASP A 154 -29.88 10.49 -13.05
N LYS A 155 -30.30 10.44 -14.32
CA LYS A 155 -31.34 11.35 -14.80
C LYS A 155 -32.63 11.14 -14.02
N GLU A 156 -33.04 9.90 -13.82
CA GLU A 156 -34.27 9.62 -13.10
C GLU A 156 -34.18 10.07 -11.65
N LEU A 157 -33.05 9.82 -10.99
CA LEU A 157 -32.93 10.17 -9.58
C LEU A 157 -32.80 11.67 -9.38
N LYS A 158 -32.18 12.39 -10.33
CA LYS A 158 -32.09 13.84 -10.22
C LYS A 158 -33.47 14.49 -10.24
N ALA A 159 -34.43 13.88 -10.94
CA ALA A 159 -35.79 14.42 -10.95
C ALA A 159 -36.45 14.28 -9.59
N LYS A 160 -36.03 13.29 -8.79
CA LYS A 160 -36.57 13.07 -7.45
C LYS A 160 -35.67 13.67 -6.36
N GLY A 161 -34.70 14.50 -6.74
CA GLY A 161 -33.85 15.16 -5.76
C GLY A 161 -32.72 14.33 -5.22
N LYS A 162 -32.36 13.24 -5.89
CA LYS A 162 -31.28 12.35 -5.47
C LYS A 162 -30.25 12.26 -6.58
N SER A 163 -29.18 11.48 -6.34
CA SER A 163 -28.20 11.19 -7.38
C SER A 163 -27.94 9.70 -7.42
N ALA A 164 -27.32 9.26 -8.52
CA ALA A 164 -27.08 7.84 -8.74
C ALA A 164 -25.87 7.34 -7.95
N LEU A 165 -24.72 7.99 -8.12
CA LEU A 165 -23.47 7.46 -7.58
C LEU A 165 -22.62 8.59 -7.03
N MET A 166 -22.08 8.38 -5.82
CA MET A 166 -21.11 9.29 -5.23
C MET A 166 -20.05 8.46 -4.51
N PHE A 167 -18.79 8.62 -4.92
CA PHE A 167 -17.68 7.95 -4.27
C PHE A 167 -16.46 8.87 -4.33
N ASN A 168 -15.42 8.46 -3.59
CA ASN A 168 -14.21 9.26 -3.43
C ASN A 168 -13.45 9.36 -4.74
N LEU A 169 -13.48 10.54 -5.37
CA LEU A 169 -12.73 10.78 -6.60
C LEU A 169 -11.33 11.30 -6.36
N GLN A 170 -10.99 11.66 -5.12
CA GLN A 170 -9.68 12.28 -4.84
C GLN A 170 -8.55 11.28 -4.72
N GLU A 171 -8.85 10.02 -4.44
CA GLU A 171 -7.82 9.02 -4.22
C GLU A 171 -7.88 7.98 -5.32
N PRO A 172 -6.76 7.67 -5.99
CA PRO A 172 -6.83 6.75 -7.14
C PRO A 172 -7.17 5.32 -6.76
N TYR A 173 -7.06 4.94 -5.49
CA TYR A 173 -7.49 3.61 -5.06
C TYR A 173 -8.94 3.34 -5.46
N PHE A 174 -9.80 4.35 -5.37
CA PHE A 174 -11.23 4.21 -5.66
C PHE A 174 -11.57 4.36 -7.15
N THR A 175 -10.78 5.14 -7.91
CA THR A 175 -11.05 5.33 -9.33
C THR A 175 -10.33 4.31 -10.21
N TRP A 176 -9.23 3.73 -9.74
CA TRP A 176 -8.50 2.74 -10.52
C TRP A 176 -9.34 1.55 -11.00
N PRO A 177 -10.33 1.04 -10.26
CA PRO A 177 -11.12 -0.08 -10.81
C PRO A 177 -11.69 0.19 -12.19
N LEU A 178 -12.22 1.40 -12.41
CA LEU A 178 -12.73 1.77 -13.72
C LEU A 178 -11.61 1.99 -14.73
N ILE A 179 -10.50 2.59 -14.30
CA ILE A 179 -9.40 2.87 -15.20
C ILE A 179 -8.78 1.58 -15.71
N ALA A 180 -8.69 0.57 -14.84
CA ALA A 180 -8.07 -0.69 -15.22
C ALA A 180 -8.97 -1.60 -16.04
N ALA A 181 -10.29 -1.34 -16.07
CA ALA A 181 -11.22 -2.33 -16.63
C ALA A 181 -10.88 -2.67 -18.09
N ASP A 182 -10.63 -1.66 -18.90
CA ASP A 182 -10.39 -1.83 -20.33
C ASP A 182 -8.91 -2.06 -20.67
N GLY A 183 -8.02 -2.12 -19.68
CA GLY A 183 -6.65 -2.48 -19.99
C GLY A 183 -5.55 -1.73 -19.26
N GLY A 184 -5.90 -0.77 -18.39
CA GLY A 184 -4.89 -0.10 -17.61
C GLY A 184 -4.28 -1.04 -16.57
N TYR A 185 -2.97 -0.88 -16.34
CA TYR A 185 -2.30 -1.66 -15.30
C TYR A 185 -1.15 -0.83 -14.73
N ALA A 186 -0.78 -1.14 -13.50
CA ALA A 186 0.32 -0.43 -12.85
C ALA A 186 1.66 -0.95 -13.35
N PHE A 187 1.97 -2.21 -13.04
CA PHE A 187 3.18 -2.89 -13.49
C PHE A 187 2.79 -4.28 -13.96
N LYS A 188 3.26 -4.66 -15.15
CA LYS A 188 2.90 -5.97 -15.70
C LYS A 188 3.32 -7.09 -14.76
N TYR A 189 2.37 -7.98 -14.43
CA TYR A 189 2.57 -9.04 -13.45
C TYR A 189 2.68 -10.36 -14.19
N ALA A 190 3.87 -10.96 -14.19
CA ALA A 190 4.14 -12.19 -14.93
C ALA A 190 4.77 -13.22 -14.00
N ALA A 191 3.97 -14.21 -13.59
CA ALA A 191 4.43 -15.35 -12.78
C ALA A 191 5.12 -14.90 -11.50
N GLY A 192 4.38 -14.12 -10.71
CA GLY A 192 4.87 -13.70 -9.41
C GLY A 192 5.91 -12.61 -9.41
N LYS A 193 6.15 -11.97 -10.55
CA LYS A 193 7.13 -10.89 -10.66
C LYS A 193 6.54 -9.74 -11.45
N TYR A 194 6.95 -8.52 -11.11
CA TYR A 194 6.48 -7.31 -11.75
C TYR A 194 7.57 -6.74 -12.66
N ASP A 195 7.23 -6.49 -13.92
CA ASP A 195 8.15 -5.85 -14.86
C ASP A 195 8.01 -4.35 -14.68
N ILE A 196 8.98 -3.74 -13.99
CA ILE A 196 8.88 -2.32 -13.68
C ILE A 196 9.11 -1.43 -14.90
N LYS A 197 9.57 -2.01 -16.00
CA LYS A 197 9.72 -1.28 -17.26
C LYS A 197 8.43 -1.22 -18.07
N ASP A 198 7.41 -1.99 -17.68
CA ASP A 198 6.16 -2.07 -18.43
C ASP A 198 5.04 -1.51 -17.56
N VAL A 199 4.65 -0.27 -17.86
CA VAL A 199 3.63 0.45 -17.10
C VAL A 199 2.46 0.73 -18.04
N GLY A 200 1.24 0.54 -17.54
CA GLY A 200 0.06 0.68 -18.37
C GLY A 200 -0.84 1.81 -17.95
N VAL A 201 -0.25 2.96 -17.65
CA VAL A 201 -1.02 4.11 -17.20
C VAL A 201 -1.58 4.93 -18.37
N ASP A 202 -0.89 4.99 -19.50
CA ASP A 202 -1.35 5.81 -20.61
C ASP A 202 -1.74 4.99 -21.84
N ASN A 203 -2.05 3.71 -21.67
CA ASN A 203 -2.48 2.90 -22.79
C ASN A 203 -3.94 3.18 -23.13
N ALA A 204 -4.43 2.52 -24.18
CA ALA A 204 -5.77 2.77 -24.68
C ALA A 204 -6.84 2.44 -23.63
N GLY A 205 -6.66 1.36 -22.88
CA GLY A 205 -7.65 0.99 -21.88
C GLY A 205 -7.74 1.98 -20.75
N ALA A 206 -6.59 2.45 -20.26
CA ALA A 206 -6.58 3.46 -19.21
C ALA A 206 -7.23 4.76 -19.67
N LYS A 207 -6.93 5.19 -20.89
CA LYS A 207 -7.53 6.43 -21.39
C LYS A 207 -9.04 6.30 -21.49
N ALA A 208 -9.54 5.14 -21.90
CA ALA A 208 -10.99 4.95 -22.04
C ALA A 208 -11.69 5.01 -20.69
N GLY A 209 -11.12 4.36 -19.67
CA GLY A 209 -11.73 4.42 -18.35
C GLY A 209 -11.72 5.81 -17.74
N LEU A 210 -10.57 6.50 -17.81
CA LEU A 210 -10.52 7.85 -17.25
C LEU A 210 -11.41 8.81 -18.03
N THR A 211 -11.52 8.63 -19.35
CA THR A 211 -12.42 9.48 -20.14
C THR A 211 -13.88 9.28 -19.71
N PHE A 212 -14.29 8.03 -19.50
CA PHE A 212 -15.66 7.81 -19.01
C PHE A 212 -15.88 8.53 -17.69
N LEU A 213 -14.89 8.46 -16.78
CA LEU A 213 -15.00 9.13 -15.49
C LEU A 213 -15.12 10.65 -15.65
N VAL A 214 -14.26 11.26 -16.46
CA VAL A 214 -14.36 12.72 -16.63
C VAL A 214 -15.66 13.09 -17.31
N ASP A 215 -16.16 12.26 -18.23
CA ASP A 215 -17.45 12.54 -18.87
C ASP A 215 -18.59 12.59 -17.86
N LEU A 216 -18.56 11.72 -16.85
CA LEU A 216 -19.58 11.77 -15.80
C LEU A 216 -19.55 13.11 -15.09
N ILE A 217 -18.36 13.66 -14.86
CA ILE A 217 -18.26 14.97 -14.20
C ILE A 217 -18.67 16.08 -15.15
N LYS A 218 -18.31 15.97 -16.42
CA LYS A 218 -18.72 16.99 -17.39
C LYS A 218 -20.23 17.01 -17.60
N ASN A 219 -20.86 15.85 -17.54
CA ASN A 219 -22.31 15.75 -17.70
C ASN A 219 -23.06 15.92 -16.40
N LYS A 220 -22.37 16.37 -15.34
CA LYS A 220 -22.96 16.74 -14.06
C LYS A 220 -23.57 15.53 -13.32
N HIS A 221 -23.15 14.31 -13.66
CA HIS A 221 -23.56 13.14 -12.88
C HIS A 221 -22.72 12.98 -11.62
N MET A 222 -21.50 13.50 -11.62
CA MET A 222 -20.65 13.51 -10.43
C MET A 222 -19.92 14.84 -10.37
N ASN A 223 -19.39 15.15 -9.20
CA ASN A 223 -18.65 16.39 -8.99
C ASN A 223 -17.19 16.08 -8.71
N ALA A 224 -16.30 16.93 -9.22
CA ALA A 224 -14.87 16.66 -9.10
C ALA A 224 -14.37 16.87 -7.68
N ASP A 225 -15.08 17.62 -6.86
CA ASP A 225 -14.68 17.88 -5.49
C ASP A 225 -15.09 16.77 -4.52
N THR A 226 -15.85 15.77 -4.98
CA THR A 226 -16.35 14.75 -4.06
C THR A 226 -15.20 13.91 -3.51
N ASP A 227 -15.04 13.90 -2.19
CA ASP A 227 -14.04 13.06 -1.56
C ASP A 227 -14.67 11.99 -0.68
N TYR A 228 -13.87 11.38 0.20
CA TYR A 228 -14.37 10.31 1.06
C TYR A 228 -15.47 10.82 1.99
N SER A 229 -15.26 11.98 2.61
CA SER A 229 -16.21 12.49 3.60
C SER A 229 -17.53 12.90 2.97
N ILE A 230 -17.48 13.47 1.77
CA ILE A 230 -18.71 13.91 1.10
C ILE A 230 -19.50 12.71 0.61
N ALA A 231 -18.82 11.72 0.03
CA ALA A 231 -19.49 10.53 -0.47
C ALA A 231 -20.12 9.74 0.66
N GLU A 232 -19.38 9.53 1.75
CA GLU A 232 -19.91 8.74 2.86
C GLU A 232 -21.11 9.43 3.51
N ALA A 233 -21.05 10.75 3.67
CA ALA A 233 -22.16 11.44 4.31
C ALA A 233 -23.39 11.46 3.42
N ALA A 234 -23.21 11.64 2.11
CA ALA A 234 -24.34 11.64 1.20
C ALA A 234 -25.02 10.28 1.16
N PHE A 235 -24.24 9.19 1.13
CA PHE A 235 -24.87 7.86 1.07
C PHE A 235 -25.59 7.55 2.37
N ASN A 236 -24.90 7.70 3.51
CA ASN A 236 -25.45 7.36 4.81
C ASN A 236 -26.66 8.18 5.21
N LYS A 237 -26.94 9.29 4.52
CA LYS A 237 -28.15 10.06 4.78
C LYS A 237 -29.21 9.86 3.71
N GLY A 238 -28.94 9.02 2.71
CA GLY A 238 -29.95 8.68 1.72
C GLY A 238 -30.05 9.62 0.55
N GLU A 239 -29.01 10.41 0.27
CA GLU A 239 -29.08 11.37 -0.83
C GLU A 239 -28.62 10.77 -2.15
N THR A 240 -27.75 9.78 -2.13
CA THR A 240 -27.29 9.14 -3.34
C THR A 240 -27.59 7.64 -3.27
N ALA A 241 -27.82 7.02 -4.42
CA ALA A 241 -28.29 5.65 -4.44
C ALA A 241 -27.17 4.64 -4.30
N MET A 242 -25.96 5.02 -4.69
CA MET A 242 -24.83 4.10 -4.74
C MET A 242 -23.56 4.80 -4.29
N THR A 243 -22.62 4.01 -3.80
CA THR A 243 -21.29 4.47 -3.47
C THR A 243 -20.34 3.31 -3.73
N ILE A 244 -19.04 3.59 -3.75
CA ILE A 244 -18.01 2.57 -3.92
C ILE A 244 -17.11 2.63 -2.69
N ASN A 245 -17.04 1.53 -1.94
CA ASN A 245 -16.28 1.51 -0.69
C ASN A 245 -16.06 0.08 -0.24
N GLY A 246 -15.31 -0.07 0.86
CA GLY A 246 -14.89 -1.37 1.35
C GLY A 246 -15.50 -1.72 2.69
N PRO A 247 -15.15 -2.89 3.23
CA PRO A 247 -15.79 -3.36 4.47
C PRO A 247 -15.61 -2.43 5.64
N TRP A 248 -14.54 -1.62 5.65
CA TRP A 248 -14.30 -0.65 6.71
C TRP A 248 -15.40 0.38 6.83
N ALA A 249 -16.19 0.60 5.79
CA ALA A 249 -17.27 1.58 5.84
C ALA A 249 -18.61 0.99 6.27
N TRP A 250 -18.72 -0.34 6.36
CA TRP A 250 -20.02 -0.95 6.66
C TRP A 250 -20.56 -0.54 8.02
N SER A 251 -19.69 -0.40 9.02
CA SER A 251 -20.14 -0.14 10.39
C SER A 251 -20.93 1.17 10.49
N ASN A 252 -20.50 2.20 9.76
CA ASN A 252 -21.19 3.48 9.81
C ASN A 252 -22.56 3.41 9.14
N ILE A 253 -22.71 2.58 8.11
CA ILE A 253 -24.02 2.45 7.47
C ILE A 253 -24.96 1.58 8.30
N ASP A 254 -24.42 0.62 9.06
CA ASP A 254 -25.24 -0.21 9.93
C ASP A 254 -26.07 0.64 10.90
N THR A 255 -25.44 1.64 11.50
CA THR A 255 -26.11 2.45 12.51
C THR A 255 -26.95 3.58 11.93
N SER A 256 -26.85 3.82 10.62
CA SER A 256 -27.71 4.79 9.94
C SER A 256 -29.05 4.15 9.57
N ALA A 257 -29.97 4.99 9.12
CA ALA A 257 -31.27 4.52 8.67
C ALA A 257 -31.24 3.93 7.26
N VAL A 258 -30.09 3.96 6.58
CA VAL A 258 -29.99 3.46 5.22
C VAL A 258 -29.91 1.94 5.24
N ASN A 259 -30.78 1.29 4.46
CA ASN A 259 -30.77 -0.16 4.31
C ASN A 259 -30.04 -0.48 3.00
N TYR A 260 -28.79 -0.94 3.12
CA TYR A 260 -27.86 -1.03 2.01
C TYR A 260 -27.56 -2.49 1.64
N GLY A 261 -27.27 -2.70 0.35
CA GLY A 261 -26.73 -3.96 -0.12
C GLY A 261 -25.32 -3.77 -0.68
N VAL A 262 -24.66 -4.88 -0.96
CA VAL A 262 -23.29 -4.87 -1.47
C VAL A 262 -23.19 -5.84 -2.64
N THR A 263 -22.69 -5.38 -3.77
CA THR A 263 -22.70 -6.22 -4.96
C THR A 263 -21.46 -5.99 -5.81
N VAL A 264 -21.37 -6.74 -6.91
CA VAL A 264 -20.22 -6.66 -7.80
C VAL A 264 -20.18 -5.28 -8.46
N LEU A 265 -18.97 -4.76 -8.62
CA LEU A 265 -18.79 -3.46 -9.26
C LEU A 265 -19.30 -3.51 -10.71
N PRO A 266 -19.75 -2.39 -11.23
CA PRO A 266 -20.24 -2.37 -12.62
C PRO A 266 -19.13 -2.68 -13.61
N THR A 267 -19.54 -3.16 -14.78
CA THR A 267 -18.60 -3.42 -15.86
C THR A 267 -18.43 -2.17 -16.73
N PHE A 268 -17.30 -2.11 -17.42
CA PHE A 268 -17.04 -1.06 -18.39
C PHE A 268 -16.65 -1.71 -19.70
N LYS A 269 -17.37 -1.38 -20.77
CA LYS A 269 -17.16 -1.98 -22.09
C LYS A 269 -17.22 -3.51 -22.00
N GLY A 270 -18.15 -4.01 -21.17
CA GLY A 270 -18.33 -5.44 -21.02
C GLY A 270 -17.29 -6.13 -20.17
N GLN A 271 -16.36 -5.39 -19.57
CA GLN A 271 -15.25 -5.91 -18.80
C GLN A 271 -15.40 -5.57 -17.33
N PRO A 272 -14.97 -6.46 -16.43
CA PRO A 272 -15.10 -6.20 -14.99
C PRO A 272 -14.22 -5.05 -14.53
N SER A 273 -14.72 -4.29 -13.57
CA SER A 273 -13.86 -3.39 -12.82
C SER A 273 -12.84 -4.21 -12.04
N LYS A 274 -11.61 -3.71 -11.98
CA LYS A 274 -10.49 -4.45 -11.39
C LYS A 274 -9.92 -3.64 -10.24
N PRO A 275 -10.51 -3.74 -9.04
CA PRO A 275 -9.93 -3.07 -7.89
C PRO A 275 -8.66 -3.76 -7.42
N PHE A 276 -7.76 -2.98 -6.83
CA PHE A 276 -6.60 -3.53 -6.16
C PHE A 276 -7.02 -4.09 -4.80
N VAL A 277 -6.51 -5.28 -4.46
CA VAL A 277 -6.96 -6.04 -3.30
C VAL A 277 -5.92 -5.97 -2.20
N GLY A 278 -6.33 -5.58 -1.01
CA GLY A 278 -5.46 -5.61 0.17
C GLY A 278 -5.76 -6.84 1.02
N VAL A 279 -4.70 -7.55 1.39
CA VAL A 279 -4.83 -8.78 2.16
C VAL A 279 -4.25 -8.51 3.54
N LEU A 280 -5.13 -8.37 4.53
CA LEU A 280 -4.68 -8.22 5.91
C LEU A 280 -3.86 -9.45 6.29
N SER A 281 -2.67 -9.21 6.82
CA SER A 281 -1.73 -10.29 7.08
C SER A 281 -1.01 -10.05 8.40
N ALA A 282 -0.49 -11.14 8.97
CA ALA A 282 0.20 -11.14 10.26
C ALA A 282 1.65 -11.56 10.02
N GLY A 283 2.58 -10.62 10.20
CA GLY A 283 4.01 -10.91 10.10
C GLY A 283 4.61 -11.11 11.45
N ILE A 284 5.59 -12.02 11.53
CA ILE A 284 6.33 -12.28 12.77
C ILE A 284 7.66 -11.54 12.69
N ASN A 285 7.98 -10.82 13.77
CA ASN A 285 9.23 -10.08 13.88
C ASN A 285 10.43 -11.02 13.75
N ALA A 286 11.31 -10.73 12.77
CA ALA A 286 12.49 -11.55 12.54
C ALA A 286 13.41 -11.66 13.74
N ALA A 287 13.34 -10.74 14.69
CA ALA A 287 14.18 -10.80 15.88
C ALA A 287 13.40 -11.12 17.15
N SER A 288 12.13 -11.49 17.03
CA SER A 288 11.35 -11.83 18.21
C SER A 288 11.92 -13.08 18.88
N PRO A 289 12.05 -13.09 20.20
CA PRO A 289 12.38 -14.33 20.91
C PRO A 289 11.21 -15.27 21.08
N ASN A 290 10.06 -14.97 20.49
CA ASN A 290 8.82 -15.74 20.65
C ASN A 290 8.22 -16.12 19.30
N LYS A 291 9.06 -16.45 18.31
CA LYS A 291 8.56 -16.77 16.98
C LYS A 291 7.69 -18.02 16.99
N GLU A 292 8.11 -19.05 17.71
CA GLU A 292 7.35 -20.29 17.76
C GLU A 292 6.01 -20.09 18.46
N LEU A 293 6.00 -19.31 19.54
CA LEU A 293 4.75 -18.95 20.20
C LEU A 293 3.83 -18.14 19.27
N ALA A 294 4.41 -17.22 18.50
CA ALA A 294 3.63 -16.42 17.56
C ALA A 294 3.01 -17.30 16.47
N LYS A 295 3.81 -18.22 15.92
CA LYS A 295 3.30 -19.15 14.92
C LYS A 295 2.21 -20.04 15.49
N GLU A 296 2.40 -20.49 16.73
CA GLU A 296 1.36 -21.26 17.41
C GLU A 296 0.07 -20.46 17.57
N PHE A 297 0.19 -19.17 17.92
CA PHE A 297 -1.01 -18.35 18.11
C PHE A 297 -1.75 -18.13 16.79
N LEU A 298 -1.02 -17.87 15.71
CA LEU A 298 -1.67 -17.54 14.45
C LEU A 298 -2.30 -18.78 13.80
N GLU A 299 -1.60 -19.92 13.84
CA GLU A 299 -2.07 -21.10 13.15
C GLU A 299 -3.15 -21.84 13.93
N ASN A 300 -2.98 -21.97 15.25
CA ASN A 300 -3.88 -22.81 16.03
C ASN A 300 -4.98 -22.02 16.73
N TYR A 301 -4.92 -20.69 16.76
CA TYR A 301 -5.94 -19.94 17.49
C TYR A 301 -6.65 -18.92 16.60
N LEU A 302 -5.89 -18.07 15.92
CA LEU A 302 -6.52 -17.05 15.09
C LEU A 302 -7.11 -17.64 13.82
N LEU A 303 -6.31 -18.39 13.07
CA LEU A 303 -6.74 -18.87 11.75
C LEU A 303 -7.56 -20.15 11.87
N THR A 304 -8.62 -20.06 12.66
CA THR A 304 -9.65 -21.08 12.79
C THR A 304 -11.00 -20.39 12.61
N ASP A 305 -12.04 -21.18 12.35
CA ASP A 305 -13.40 -20.63 12.31
C ASP A 305 -13.71 -19.83 13.56
N GLU A 306 -13.37 -20.36 14.73
CA GLU A 306 -13.71 -19.69 15.98
C GLU A 306 -12.88 -18.43 16.20
N GLY A 307 -11.60 -18.46 15.81
CA GLY A 307 -10.76 -17.30 15.97
C GLY A 307 -11.13 -16.17 15.04
N LEU A 308 -11.42 -16.48 13.77
CA LEU A 308 -11.82 -15.43 12.85
C LEU A 308 -13.19 -14.88 13.19
N GLU A 309 -14.10 -15.74 13.67
CA GLU A 309 -15.42 -15.26 14.07
C GLU A 309 -15.32 -14.23 15.20
N ALA A 310 -14.46 -14.49 16.19
CA ALA A 310 -14.32 -13.56 17.30
C ALA A 310 -13.83 -12.20 16.83
N VAL A 311 -12.88 -12.18 15.88
CA VAL A 311 -12.41 -10.90 15.35
C VAL A 311 -13.48 -10.28 14.45
N ASN A 312 -14.06 -11.09 13.56
CA ASN A 312 -15.07 -10.58 12.63
C ASN A 312 -16.29 -10.02 13.36
N LYS A 313 -16.64 -10.60 14.51
CA LYS A 313 -17.79 -10.10 15.28
C LYS A 313 -17.53 -8.71 15.82
N ASP A 314 -16.29 -8.43 16.23
CA ASP A 314 -15.94 -7.09 16.70
C ASP A 314 -15.99 -6.07 15.56
N LYS A 315 -15.24 -6.33 14.50
CA LYS A 315 -15.20 -5.51 13.30
C LYS A 315 -15.16 -6.42 12.09
N PRO A 316 -16.02 -6.19 11.10
CA PRO A 316 -16.09 -7.09 9.94
C PRO A 316 -14.77 -7.12 9.19
N LEU A 317 -14.25 -8.34 8.98
CA LEU A 317 -13.01 -8.54 8.23
C LEU A 317 -13.21 -8.49 6.72
N GLY A 318 -14.45 -8.51 6.24
CA GLY A 318 -14.68 -8.68 4.81
C GLY A 318 -14.61 -10.16 4.46
N ALA A 319 -13.96 -10.48 3.34
CA ALA A 319 -13.70 -11.89 3.05
C ALA A 319 -12.46 -12.35 3.81
N VAL A 320 -12.37 -13.66 4.06
CA VAL A 320 -11.26 -14.18 4.85
C VAL A 320 -10.48 -15.18 4.02
N ALA A 321 -9.22 -15.41 4.42
CA ALA A 321 -8.35 -16.30 3.68
C ALA A 321 -8.63 -17.77 4.00
N LEU A 322 -9.20 -18.05 5.17
CA LEU A 322 -9.49 -19.42 5.58
C LEU A 322 -10.75 -19.93 4.87
N LYS A 323 -10.58 -20.98 4.05
CA LYS A 323 -11.67 -21.44 3.19
C LYS A 323 -12.89 -21.88 3.99
N SER A 324 -12.67 -22.59 5.10
CA SER A 324 -13.80 -23.10 5.88
C SER A 324 -14.66 -21.96 6.40
N TYR A 325 -14.04 -20.89 6.89
CA TYR A 325 -14.84 -19.79 7.42
C TYR A 325 -15.30 -18.83 6.33
N GLU A 326 -14.58 -18.74 5.20
CA GLU A 326 -15.07 -17.92 4.10
C GLU A 326 -16.36 -18.47 3.50
N GLU A 327 -16.48 -19.80 3.45
CA GLU A 327 -17.72 -20.39 2.91
C GLU A 327 -18.91 -20.10 3.82
N GLU A 328 -18.68 -20.01 5.12
CA GLU A 328 -19.74 -19.63 6.04
C GLU A 328 -20.09 -18.16 5.89
N LEU A 329 -19.08 -17.28 5.93
CA LEU A 329 -19.31 -15.86 5.75
C LEU A 329 -20.00 -15.55 4.42
N ALA A 330 -19.66 -16.28 3.36
CA ALA A 330 -20.17 -16.01 2.03
C ALA A 330 -21.67 -16.27 1.89
N LYS A 331 -22.32 -16.81 2.92
CA LYS A 331 -23.78 -16.94 2.88
C LYS A 331 -24.47 -15.58 2.93
N ASP A 332 -23.75 -14.54 3.32
CA ASP A 332 -24.21 -13.16 3.22
C ASP A 332 -23.74 -12.58 1.89
N PRO A 333 -24.65 -12.08 1.04
CA PRO A 333 -24.23 -11.58 -0.27
C PRO A 333 -23.17 -10.50 -0.22
N ARG A 334 -23.08 -9.72 0.87
CA ARG A 334 -22.04 -8.70 0.92
C ARG A 334 -20.64 -9.32 0.96
N ILE A 335 -20.50 -10.51 1.56
CA ILE A 335 -19.17 -11.13 1.59
C ILE A 335 -18.87 -11.82 0.26
N ALA A 336 -19.84 -12.54 -0.29
CA ALA A 336 -19.66 -13.14 -1.62
C ALA A 336 -19.33 -12.09 -2.67
N ALA A 337 -19.87 -10.88 -2.50
CA ALA A 337 -19.54 -9.79 -3.41
C ALA A 337 -18.14 -9.27 -3.17
N THR A 338 -17.73 -9.17 -1.89
CA THR A 338 -16.37 -8.75 -1.59
C THR A 338 -15.35 -9.70 -2.21
N MET A 339 -15.55 -11.01 -2.04
CA MET A 339 -14.65 -11.99 -2.64
C MET A 339 -14.70 -11.91 -4.17
N GLU A 340 -15.90 -11.74 -4.73
CA GLU A 340 -16.03 -11.72 -6.20
C GLU A 340 -15.30 -10.53 -6.81
N ASN A 341 -15.41 -9.35 -6.21
CA ASN A 341 -14.66 -8.20 -6.72
C ASN A 341 -13.16 -8.40 -6.50
N ALA A 342 -12.78 -9.10 -5.44
CA ALA A 342 -11.36 -9.41 -5.23
C ALA A 342 -10.85 -10.35 -6.32
N GLN A 343 -11.65 -11.35 -6.68
CA GLN A 343 -11.25 -12.31 -7.71
C GLN A 343 -11.13 -11.64 -9.08
N LYS A 344 -11.99 -10.66 -9.35
CA LYS A 344 -11.96 -9.93 -10.59
C LYS A 344 -10.92 -8.81 -10.59
N GLY A 345 -10.36 -8.47 -9.44
CA GLY A 345 -9.32 -7.48 -9.33
C GLY A 345 -7.94 -8.11 -9.34
N GLU A 346 -6.99 -7.40 -8.75
CA GLU A 346 -5.62 -7.87 -8.68
C GLU A 346 -5.05 -7.55 -7.30
N ILE A 347 -4.22 -8.46 -6.81
CA ILE A 347 -3.56 -8.24 -5.53
C ILE A 347 -2.68 -7.00 -5.62
N MET A 348 -2.77 -6.16 -4.59
CA MET A 348 -1.99 -4.95 -4.52
C MET A 348 -0.50 -5.28 -4.61
N PRO A 349 0.24 -4.72 -5.56
CA PRO A 349 1.68 -5.02 -5.66
C PRO A 349 2.42 -4.57 -4.40
N ASN A 350 3.25 -5.45 -3.89
CA ASN A 350 4.05 -5.16 -2.69
C ASN A 350 5.42 -4.60 -3.02
N ILE A 351 5.66 -4.23 -4.28
CA ILE A 351 6.94 -3.70 -4.71
C ILE A 351 7.07 -2.25 -4.23
N PRO A 352 8.29 -1.74 -4.03
CA PRO A 352 8.42 -0.35 -3.58
C PRO A 352 8.15 0.68 -4.66
N GLN A 353 8.13 0.28 -5.94
CA GLN A 353 7.83 1.25 -6.99
C GLN A 353 6.36 1.63 -7.02
N MET A 354 5.56 1.08 -6.11
CA MET A 354 4.11 1.29 -6.14
C MET A 354 3.69 2.65 -5.60
N SER A 355 4.41 3.18 -4.59
CA SER A 355 3.98 4.44 -3.98
C SER A 355 4.10 5.60 -4.95
N ALA A 356 5.10 5.56 -5.84
CA ALA A 356 5.23 6.59 -6.86
C ALA A 356 4.17 6.42 -7.94
N PHE A 357 3.81 5.18 -8.27
CA PHE A 357 2.66 4.96 -9.13
C PHE A 357 1.43 5.68 -8.57
N TRP A 358 1.15 5.52 -7.28
CA TRP A 358 -0.07 6.11 -6.71
C TRP A 358 -0.01 7.63 -6.74
N TYR A 359 1.13 8.23 -6.37
CA TYR A 359 1.26 9.67 -6.45
C TYR A 359 1.04 10.18 -7.86
N ALA A 360 1.56 9.45 -8.87
CA ALA A 360 1.41 9.89 -10.25
C ALA A 360 -0.04 9.82 -10.71
N VAL A 361 -0.73 8.72 -10.40
CA VAL A 361 -2.11 8.57 -10.86
C VAL A 361 -3.05 9.49 -10.08
N ARG A 362 -2.72 9.81 -8.83
CA ARG A 362 -3.55 10.75 -8.09
C ARG A 362 -3.53 12.13 -8.75
N THR A 363 -2.34 12.60 -9.12
CA THR A 363 -2.26 13.87 -9.84
C THR A 363 -2.98 13.81 -11.17
N ALA A 364 -2.80 12.72 -11.93
CA ALA A 364 -3.46 12.60 -13.22
C ALA A 364 -4.97 12.67 -13.10
N VAL A 365 -5.57 11.93 -12.16
CA VAL A 365 -7.03 11.91 -12.07
C VAL A 365 -7.55 13.28 -11.65
N ILE A 366 -6.89 13.92 -10.68
CA ILE A 366 -7.32 15.24 -10.22
C ILE A 366 -7.21 16.27 -11.35
N ASN A 367 -6.09 16.27 -12.08
CA ASN A 367 -5.93 17.23 -13.15
C ASN A 367 -6.94 17.01 -14.27
N ALA A 368 -7.21 15.75 -14.62
CA ALA A 368 -8.17 15.48 -15.68
C ALA A 368 -9.59 15.82 -15.23
N ALA A 369 -9.91 15.57 -13.97
CA ALA A 369 -11.28 15.79 -13.48
C ALA A 369 -11.56 17.28 -13.27
N SER A 370 -10.52 18.08 -12.99
CA SER A 370 -10.70 19.52 -12.84
C SER A 370 -10.64 20.26 -14.17
N GLY A 371 -10.24 19.61 -15.26
CA GLY A 371 -10.07 20.28 -16.53
C GLY A 371 -8.75 20.99 -16.72
N ARG A 372 -7.78 20.79 -15.82
CA ARG A 372 -6.50 21.46 -16.01
C ARG A 372 -5.65 20.78 -17.07
N GLN A 373 -5.89 19.49 -17.33
CA GLN A 373 -5.24 18.75 -18.41
C GLN A 373 -6.28 17.86 -19.08
N THR A 374 -6.04 17.52 -20.35
CA THR A 374 -6.81 16.47 -20.99
C THR A 374 -6.49 15.13 -20.36
N VAL A 375 -7.30 14.12 -20.69
CA VAL A 375 -6.99 12.77 -20.24
C VAL A 375 -5.65 12.31 -20.80
N ASP A 376 -5.39 12.62 -22.07
CA ASP A 376 -4.16 12.15 -22.71
C ASP A 376 -2.92 12.75 -22.05
N GLU A 377 -2.92 14.06 -21.80
CA GLU A 377 -1.74 14.68 -21.17
C GLU A 377 -1.60 14.23 -19.73
N ALA A 378 -2.71 14.17 -18.98
CA ALA A 378 -2.64 13.75 -17.58
C ALA A 378 -2.02 12.37 -17.44
N LEU A 379 -2.48 11.41 -18.24
CA LEU A 379 -1.95 10.06 -18.14
C LEU A 379 -0.54 9.93 -18.72
N LYS A 380 -0.20 10.73 -19.75
CA LYS A 380 1.16 10.71 -20.26
C LYS A 380 2.16 11.19 -19.21
N ASP A 381 1.84 12.27 -18.50
CA ASP A 381 2.67 12.72 -17.39
C ASP A 381 2.81 11.61 -16.35
N ALA A 382 1.70 10.95 -16.00
CA ALA A 382 1.73 9.93 -14.97
C ALA A 382 2.55 8.72 -15.41
N GLN A 383 2.39 8.31 -16.66
CA GLN A 383 3.19 7.20 -17.20
C GLN A 383 4.67 7.51 -17.07
N THR A 384 5.09 8.70 -17.49
CA THR A 384 6.50 9.05 -17.40
C THR A 384 6.96 9.14 -15.95
N ALA A 385 6.17 9.78 -15.09
CA ALA A 385 6.55 9.89 -13.68
C ALA A 385 6.74 8.51 -13.04
N ALA A 386 5.83 7.57 -13.33
CA ALA A 386 5.91 6.25 -12.73
C ALA A 386 7.16 5.50 -13.18
N ARG A 387 7.48 5.57 -14.46
CA ARG A 387 8.67 4.93 -15.01
C ARG A 387 9.94 5.63 -14.53
N ALA A 388 9.94 6.96 -14.54
CA ALA A 388 11.12 7.69 -14.08
C ALA A 388 11.36 7.47 -12.59
N ALA A 389 10.30 7.32 -11.81
CA ALA A 389 10.50 7.02 -10.40
C ALA A 389 11.10 5.64 -10.20
N ALA A 390 10.81 4.69 -11.09
CA ALA A 390 11.48 3.39 -11.04
C ALA A 390 12.96 3.52 -11.35
N ASP A 391 13.33 4.37 -12.31
CA ASP A 391 14.75 4.56 -12.57
C ASP A 391 15.43 5.25 -11.40
N ASN A 392 14.71 6.12 -10.69
CA ASN A 392 15.30 6.82 -9.56
C ASN A 392 15.67 5.87 -8.44
N ARG A 393 14.84 4.86 -8.21
CA ARG A 393 15.16 3.87 -7.18
C ARG A 393 16.39 3.06 -7.55
N GLU A 394 16.52 2.68 -8.82
CA GLU A 394 17.71 1.95 -9.25
C GLU A 394 18.96 2.81 -9.06
N ILE A 395 18.84 4.12 -9.25
CA ILE A 395 19.97 5.01 -9.01
C ILE A 395 20.36 5.00 -7.54
N VAL A 396 19.36 5.02 -6.65
CA VAL A 396 19.64 4.97 -5.21
C VAL A 396 20.31 3.65 -4.85
N MET A 397 19.74 2.53 -5.30
CA MET A 397 20.26 1.22 -4.93
C MET A 397 21.68 1.01 -5.44
N LYS A 398 21.97 1.45 -6.66
CA LYS A 398 23.34 1.34 -7.18
C LYS A 398 24.30 2.23 -6.42
N TYR A 399 23.86 3.43 -6.06
CA TYR A 399 24.73 4.34 -5.32
C TYR A 399 25.09 3.77 -3.96
N ILE A 400 24.12 3.20 -3.24
CA ILE A 400 24.38 2.68 -1.90
C ILE A 400 25.23 1.42 -1.97
N HIS A 401 24.97 0.56 -2.97
CA HIS A 401 25.80 -0.63 -3.15
C HIS A 401 27.25 -0.26 -3.46
N TYR A 402 27.46 0.81 -4.24
CA TYR A 402 28.81 1.24 -4.55
C TYR A 402 29.49 1.85 -3.33
N LYS A 403 28.75 2.64 -2.55
CA LYS A 403 29.32 3.26 -1.36
C LYS A 403 29.67 2.22 -0.31
N LEU A 404 28.89 1.15 -0.21
CA LEU A 404 29.21 0.07 0.74
C LEU A 404 30.36 -0.80 0.23
N SER A 405 30.49 -0.98 -1.08
CA SER A 405 31.58 -1.76 -1.62
C SER A 405 32.93 -1.05 -1.49
N GLN A 406 32.93 0.27 -1.33
CA GLN A 406 34.19 0.98 -1.11
C GLN A 406 34.82 0.59 0.21
N ARG A 407 34.01 0.33 1.24
CA ARG A 407 34.50 -0.09 2.55
C ARG A 407 34.44 -1.60 2.74
N GLY A 408 34.21 -2.35 1.65
CA GLY A 408 34.20 -3.80 1.74
C GLY A 408 33.00 -4.34 2.47
N TYR A 409 31.80 -3.96 2.01
CA TYR A 409 30.54 -4.40 2.59
C TYR A 409 29.65 -4.90 1.47
N GLU A 410 29.27 -6.17 1.52
CA GLU A 410 28.40 -6.77 0.52
C GLU A 410 26.95 -6.52 0.92
N TRP A 411 26.13 -6.12 -0.06
CA TRP A 411 24.74 -5.77 0.22
C TRP A 411 23.90 -6.01 -1.03
N ASP A 412 22.63 -6.33 -0.81
CA ASP A 412 21.70 -6.54 -1.90
C ASP A 412 21.25 -5.20 -2.49
N GLU A 431 23.25 3.53 -17.27
CA GLU A 431 24.62 3.07 -17.01
C GLU A 431 25.56 4.25 -16.78
N VAL A 432 25.53 5.23 -17.69
CA VAL A 432 26.41 6.39 -17.58
C VAL A 432 25.97 7.30 -16.43
N VAL A 433 24.68 7.27 -16.08
CA VAL A 433 24.20 8.06 -14.96
C VAL A 433 24.80 7.55 -13.65
N HIS A 434 24.82 6.22 -13.47
CA HIS A 434 25.39 5.64 -12.27
C HIS A 434 26.86 5.98 -12.11
N LEU A 435 27.64 5.84 -13.19
CA LEU A 435 29.06 6.14 -13.11
C LEU A 435 29.31 7.63 -12.86
N THR A 436 28.51 8.50 -13.51
CA THR A 436 28.71 9.94 -13.33
C THR A 436 28.33 10.39 -11.93
N LEU A 437 27.27 9.82 -11.36
CA LEU A 437 26.88 10.20 -10.01
C LEU A 437 27.87 9.69 -8.98
N ARG A 438 28.43 8.50 -9.19
CA ARG A 438 29.45 7.97 -8.30
C ARG A 438 30.63 8.92 -8.16
N GLN A 439 31.18 9.40 -9.28
CA GLN A 439 32.35 10.27 -9.23
C GLN A 439 32.01 11.63 -8.61
N ALA A 440 30.85 12.19 -8.96
CA ALA A 440 30.44 13.44 -8.32
C ALA A 440 30.32 13.27 -6.82
N GLY A 441 29.78 12.13 -6.37
CA GLY A 441 29.70 11.88 -4.94
C GLY A 441 31.05 11.71 -4.29
N ASP A 442 31.99 11.04 -4.98
CA ASP A 442 33.35 10.93 -4.46
C ASP A 442 34.04 12.28 -4.41
N ASP A 443 33.73 13.16 -5.36
CA ASP A 443 34.28 14.51 -5.33
C ASP A 443 33.70 15.33 -4.19
N PHE A 444 32.40 15.15 -3.90
CA PHE A 444 31.79 15.90 -2.81
C PHE A 444 32.40 15.53 -1.46
N SER A 445 32.66 14.23 -1.24
CA SER A 445 33.29 13.80 0.00
C SER A 445 34.73 14.25 0.11
N ARG A 446 35.39 14.57 -1.00
CA ARG A 446 36.76 15.09 -0.94
C ARG A 446 36.77 16.53 -0.47
N ARG A 447 35.89 17.37 -1.03
CA ARG A 447 35.83 18.78 -0.65
C ARG A 447 35.31 18.94 0.77
N TYR A 448 34.36 18.10 1.19
CA TYR A 448 33.78 18.17 2.53
C TYR A 448 34.31 17.05 3.43
N ARG A 449 35.60 16.74 3.33
CA ARG A 449 36.22 15.70 4.15
C ARG A 449 36.19 16.07 5.63
N HIS A 460 25.64 9.52 18.14
CA HIS A 460 25.58 8.09 17.86
C HIS A 460 24.53 7.82 16.78
N LEU A 461 24.49 6.59 16.26
CA LEU A 461 23.60 6.25 15.17
C LEU A 461 22.64 5.15 15.62
N THR A 462 21.35 5.47 15.61
CA THR A 462 20.27 4.53 15.84
C THR A 462 19.22 4.76 14.76
N PRO A 463 18.28 3.81 14.59
CA PRO A 463 17.17 4.07 13.65
C PRO A 463 16.41 5.34 13.97
N PHE A 464 16.23 5.66 15.25
CA PHE A 464 15.54 6.88 15.62
C PHE A 464 16.38 8.11 15.29
N THR A 465 17.69 8.05 15.54
CA THR A 465 18.55 9.20 15.28
C THR A 465 18.86 9.33 13.80
N ALA A 466 18.89 8.23 13.06
CA ALA A 466 19.08 8.32 11.62
C ALA A 466 17.88 9.01 10.96
N ARG A 467 16.66 8.67 11.40
CA ARG A 467 15.49 9.34 10.85
C ARG A 467 15.49 10.83 11.17
N GLY A 468 15.84 11.20 12.40
CA GLY A 468 15.85 12.60 12.76
C GLY A 468 16.90 13.41 12.01
N ARG A 469 18.11 12.85 11.89
CA ARG A 469 19.19 13.54 11.17
C ARG A 469 18.92 13.58 9.67
N PHE A 470 18.34 12.51 9.12
CA PHE A 470 17.98 12.52 7.70
C PHE A 470 16.97 13.61 7.41
N ALA A 471 15.91 13.69 8.23
CA ALA A 471 14.92 14.75 8.03
C ALA A 471 15.51 16.13 8.25
N THR A 472 16.49 16.25 9.14
CA THR A 472 17.07 17.56 9.43
C THR A 472 18.03 18.02 8.33
N VAL A 473 18.90 17.12 7.87
CA VAL A 473 19.89 17.49 6.86
C VAL A 473 19.21 17.74 5.51
N VAL A 474 18.31 16.83 5.11
CA VAL A 474 17.66 16.96 3.80
C VAL A 474 16.80 18.22 3.75
N GLU A 475 16.12 18.55 4.85
CA GLU A 475 15.37 19.79 4.89
C GLU A 475 16.29 21.01 4.73
N GLU A 476 17.46 20.98 5.37
CA GLU A 476 18.37 22.11 5.26
C GLU A 476 19.02 22.17 3.88
N LEU A 477 19.16 21.03 3.20
CA LEU A 477 19.80 21.02 1.90
C LEU A 477 18.94 21.72 0.85
N PHE A 478 17.63 21.47 0.87
CA PHE A 478 16.72 21.96 -0.16
C PHE A 478 15.72 22.98 0.38
N ARG A 479 16.12 23.77 1.39
CA ARG A 479 15.24 24.81 1.91
C ARG A 479 15.24 26.04 1.04
N ASP A 480 16.39 26.38 0.44
CA ASP A 480 16.51 27.55 -0.43
C ASP A 480 16.56 27.16 -1.90
N GLY A 481 15.98 26.03 -2.27
CA GLY A 481 15.92 25.59 -3.64
C GLY A 481 16.67 24.29 -3.88
N VAL A 482 16.44 23.73 -5.06
CA VAL A 482 17.05 22.48 -5.49
C VAL A 482 17.99 22.79 -6.66
N ASN A 483 19.19 22.21 -6.63
CA ASN A 483 20.13 22.24 -7.75
C ASN A 483 20.91 20.93 -7.77
N TRP A 484 21.65 20.70 -8.85
CA TRP A 484 22.35 19.41 -8.98
C TRP A 484 23.38 19.21 -7.88
N GLY A 485 24.05 20.28 -7.47
CA GLY A 485 25.05 20.16 -6.42
C GLY A 485 24.46 19.66 -5.11
N ARG A 486 23.26 20.14 -4.78
CA ARG A 486 22.62 19.70 -3.54
C ARG A 486 21.99 18.33 -3.68
N ILE A 487 21.67 17.91 -4.90
CA ILE A 487 21.25 16.53 -5.13
C ILE A 487 22.42 15.58 -4.93
N VAL A 488 23.60 15.93 -5.44
CA VAL A 488 24.79 15.11 -5.21
C VAL A 488 25.10 15.04 -3.72
N ALA A 489 24.95 16.16 -3.01
CA ALA A 489 25.15 16.15 -1.57
C ALA A 489 24.11 15.28 -0.87
N PHE A 490 22.91 15.21 -1.42
CA PHE A 490 21.86 14.35 -0.90
C PHE A 490 22.25 12.87 -1.01
N PHE A 491 22.77 12.46 -2.18
CA PHE A 491 23.17 11.06 -2.33
C PHE A 491 24.36 10.72 -1.45
N GLU A 492 25.34 11.62 -1.36
CA GLU A 492 26.53 11.34 -0.57
C GLU A 492 26.21 11.26 0.92
N PHE A 493 25.33 12.14 1.40
CA PHE A 493 24.93 12.09 2.80
C PHE A 493 24.21 10.79 3.12
N GLY A 494 23.32 10.35 2.22
CA GLY A 494 22.65 9.08 2.43
C GLY A 494 23.59 7.90 2.33
N GLY A 495 24.55 7.95 1.41
CA GLY A 495 25.50 6.86 1.29
C GLY A 495 26.36 6.70 2.53
N VAL A 496 26.92 7.80 3.03
CA VAL A 496 27.76 7.76 4.22
C VAL A 496 26.96 7.23 5.42
N MET A 497 25.72 7.66 5.57
CA MET A 497 24.90 7.18 6.68
C MET A 497 24.62 5.69 6.57
N CYS A 498 24.53 5.18 5.34
CA CYS A 498 24.40 3.73 5.16
C CYS A 498 25.67 3.00 5.59
N VAL A 499 26.84 3.59 5.32
CA VAL A 499 28.08 2.98 5.76
C VAL A 499 28.15 2.93 7.29
N GLU A 500 27.77 4.03 7.95
CA GLU A 500 27.79 4.03 9.41
C GLU A 500 26.79 3.03 9.99
N SER A 501 25.66 2.80 9.31
CA SER A 501 24.70 1.82 9.78
C SER A 501 25.30 0.41 9.79
N VAL A 502 26.08 0.07 8.76
CA VAL A 502 26.75 -1.23 8.76
C VAL A 502 27.79 -1.28 9.86
N ASN A 503 28.45 -0.16 10.15
CA ASN A 503 29.46 -0.13 11.21
C ASN A 503 28.84 -0.35 12.59
N ARG A 504 27.62 0.13 12.81
CA ARG A 504 26.94 -0.05 14.09
C ARG A 504 26.20 -1.38 14.18
N GLU A 505 26.43 -2.29 13.24
CA GLU A 505 25.77 -3.59 13.20
C GLU A 505 24.25 -3.44 13.08
N MET A 506 23.81 -2.47 12.28
CA MET A 506 22.39 -2.22 12.05
C MET A 506 22.12 -2.30 10.54
N SER A 507 22.19 -3.51 10.00
CA SER A 507 21.98 -3.70 8.57
C SER A 507 20.59 -3.28 8.09
N PRO A 508 19.48 -3.64 8.75
CA PRO A 508 18.16 -3.22 8.23
C PRO A 508 18.02 -1.72 8.07
N LEU A 509 18.78 -0.92 8.81
CA LEU A 509 18.67 0.53 8.66
C LEU A 509 19.13 0.97 7.27
N VAL A 510 20.06 0.24 6.65
CA VAL A 510 20.51 0.55 5.30
C VAL A 510 19.33 0.55 4.34
N ASP A 511 18.45 -0.45 4.44
CA ASP A 511 17.32 -0.49 3.54
C ASP A 511 16.28 0.56 3.91
N ASN A 512 16.13 0.84 5.21
CA ASN A 512 15.31 1.97 5.65
C ASN A 512 15.77 3.27 4.99
N ILE A 513 17.09 3.55 5.01
CA ILE A 513 17.60 4.80 4.44
C ILE A 513 17.39 4.83 2.93
N ALA A 514 17.62 3.71 2.26
CA ALA A 514 17.36 3.62 0.82
C ALA A 514 15.92 3.97 0.49
N LEU A 515 14.97 3.55 1.33
CA LEU A 515 13.58 3.90 1.11
C LEU A 515 13.34 5.39 1.33
N TRP A 516 13.90 5.96 2.39
CA TRP A 516 13.75 7.39 2.64
C TRP A 516 14.27 8.21 1.47
N MET A 517 15.44 7.85 0.95
CA MET A 517 15.99 8.55 -0.20
C MET A 517 15.10 8.40 -1.43
N THR A 518 14.64 7.18 -1.69
CA THR A 518 13.76 6.94 -2.82
C THR A 518 12.45 7.73 -2.69
N GLU A 519 11.90 7.79 -1.49
CA GLU A 519 10.66 8.55 -1.29
C GLU A 519 10.88 10.04 -1.55
N TYR A 520 11.94 10.61 -0.96
CA TYR A 520 12.15 12.04 -1.10
C TYR A 520 12.50 12.40 -2.54
N LEU A 521 13.30 11.57 -3.20
CA LEU A 521 13.66 11.83 -4.59
C LEU A 521 12.44 11.78 -5.50
N ASN A 522 11.47 10.91 -5.21
CA ASN A 522 10.30 10.76 -6.07
C ASN A 522 9.16 11.69 -5.69
N ARG A 523 9.16 12.24 -4.48
CA ARG A 523 8.08 13.10 -4.01
C ARG A 523 8.43 14.58 -4.03
N HIS A 524 9.68 14.94 -3.76
CA HIS A 524 10.07 16.34 -3.62
C HIS A 524 11.20 16.78 -4.54
N LEU A 525 11.85 15.85 -5.24
CA LEU A 525 12.94 16.21 -6.15
C LEU A 525 12.69 15.85 -7.60
N HIS A 526 11.73 14.97 -7.89
CA HIS A 526 11.56 14.51 -9.26
C HIS A 526 11.02 15.60 -10.18
N THR A 527 10.07 16.41 -9.69
CA THR A 527 9.53 17.48 -10.51
C THR A 527 10.62 18.46 -10.95
N TRP A 528 11.59 18.73 -10.09
CA TRP A 528 12.69 19.60 -10.49
C TRP A 528 13.61 18.92 -11.49
N ILE A 529 13.84 17.62 -11.31
CA ILE A 529 14.71 16.90 -12.24
C ILE A 529 14.13 16.89 -13.65
N GLN A 530 12.84 16.57 -13.77
CA GLN A 530 12.22 16.57 -15.09
C GLN A 530 12.25 17.95 -15.73
N ASP A 531 11.94 19.00 -14.96
CA ASP A 531 11.90 20.35 -15.51
C ASP A 531 13.29 20.91 -15.83
N ASN A 532 14.35 20.23 -15.42
CA ASN A 532 15.71 20.72 -15.66
C ASN A 532 16.51 19.81 -16.58
N GLY A 533 15.83 19.00 -17.40
CA GLY A 533 16.49 18.20 -18.40
C GLY A 533 16.68 16.73 -18.04
N GLY A 534 16.22 16.31 -16.87
CA GLY A 534 16.37 14.93 -16.47
C GLY A 534 17.80 14.58 -16.09
N TRP A 535 18.01 13.28 -15.84
CA TRP A 535 19.35 12.81 -15.52
C TRP A 535 20.33 12.97 -16.66
N ASP A 536 19.84 13.03 -17.90
CA ASP A 536 20.75 13.27 -19.03
C ASP A 536 21.41 14.65 -18.92
N ALA A 537 20.67 15.65 -18.44
CA ALA A 537 21.28 16.96 -18.22
C ALA A 537 22.30 16.91 -17.09
N PHE A 538 22.11 16.04 -16.09
CA PHE A 538 23.11 15.89 -15.06
C PHE A 538 24.40 15.30 -15.64
N VAL A 539 24.28 14.29 -16.52
CA VAL A 539 25.46 13.67 -17.10
C VAL A 539 26.19 14.65 -18.01
N GLU A 540 25.44 15.46 -18.76
CA GLU A 540 26.03 16.41 -19.67
C GLU A 540 26.75 17.54 -18.95
N LEU A 541 26.40 17.80 -17.69
CA LEU A 541 27.09 18.83 -16.89
C LEU A 541 28.26 18.28 -16.11
N TYR A 542 28.22 17.00 -15.72
CA TYR A 542 29.26 16.40 -14.89
C TYR A 542 30.13 15.41 -15.62
N GLY A 543 29.61 14.74 -16.65
CA GLY A 543 30.37 13.76 -17.38
C GLY A 543 31.36 14.38 -18.33
N PRO A 544 32.31 13.55 -18.81
CA PRO A 544 33.34 13.99 -19.76
C PRO A 544 32.74 14.47 -21.08
#